data_5TC0
#
_entry.id   5TC0
#
_cell.length_a   50.406
_cell.length_b   91.503
_cell.length_c   69.543
_cell.angle_alpha   90.000
_cell.angle_beta   99.470
_cell.angle_gamma   90.000
#
_symmetry.space_group_name_H-M   'P 1 21 1'
#
loop_
_entity.id
_entity.type
_entity.pdbx_description
1 polymer 'Tyrosine-protein kinase Mer'
2 non-polymer N-(2-{4-[(2S)-4-(methylsulfonyl)morpholin-2-yl]-1,3-thiazol-2-yl}phenyl)-1H-imidazole-2-carboxamide
3 water water
#
_entity_poly.entity_id   1
_entity_poly.type   'polypeptide(L)'
_entity_poly.pdbx_seq_one_letter_code
;MGSSHHHHHHSSGLVPRGSSEELQNKLEDVVIDRNLLILGKILGEGEFGSVMEGNLKQEDGTSLKVAVKTMKLDNSSQRE
IEEFLSEAACMKDFSHPNVMRLLGVCIEMSSQGIPKPMVILPFMKYGDLHTYLLYSRLETGPKHIPLQTLLKFMVDIALG
MEYLSNRNFLHRDLAARNCMLRDDMTVCVADFGLSKKIYSGDYYRQGRIAKMPVKWIAIESLADRVYTSKSDVWAFGVTM
WEIATRGMTPYPGVQNHEMYDYLLHGHRLKQPEDCLDELYEIMYSCWRTDPLDRPTFSVLRLQLEKLLESLPDV
;
_entity_poly.pdbx_strand_id   A,B
#
# COMPACT_ATOMS: atom_id res chain seq x y z
N GLU A 28 34.51 15.93 15.65
CA GLU A 28 35.54 14.87 15.38
C GLU A 28 36.12 14.23 16.69
N ASP A 29 35.38 14.33 17.79
CA ASP A 29 35.63 13.59 19.04
C ASP A 29 34.36 12.81 19.37
N VAL A 30 33.65 12.47 18.30
CA VAL A 30 32.43 11.68 18.31
C VAL A 30 32.74 10.22 17.98
N VAL A 31 33.99 9.94 17.62
CA VAL A 31 34.39 8.66 17.03
C VAL A 31 34.45 7.56 18.10
N ILE A 32 34.18 6.33 17.68
CA ILE A 32 34.28 5.14 18.50
C ILE A 32 35.31 4.20 17.87
N ASP A 33 36.16 3.61 18.72
CA ASP A 33 37.10 2.57 18.31
C ASP A 33 36.31 1.42 17.67
N ARG A 34 36.62 1.13 16.41
CA ARG A 34 35.92 0.10 15.62
C ARG A 34 35.85 -1.26 16.31
N ASN A 35 36.89 -1.57 17.11
CA ASN A 35 36.96 -2.85 17.84
C ASN A 35 35.91 -3.03 18.94
N LEU A 36 35.30 -1.93 19.39
CA LEU A 36 34.20 -2.00 20.36
C LEU A 36 32.85 -2.40 19.76
N LEU A 37 32.81 -2.64 18.44
CA LEU A 37 31.57 -2.85 17.70
C LEU A 37 31.54 -4.19 16.98
N ILE A 38 30.43 -4.92 17.14
CA ILE A 38 30.17 -6.16 16.42
C ILE A 38 28.92 -5.94 15.57
N LEU A 39 28.98 -6.27 14.28
CA LEU A 39 27.88 -6.08 13.33
C LEU A 39 27.13 -7.38 13.08
N GLY A 40 25.81 -7.30 13.06
CA GLY A 40 24.94 -8.47 12.83
C GLY A 40 24.11 -8.35 11.57
N LYS A 41 22.90 -8.90 11.60
CA LYS A 41 22.02 -8.93 10.43
C LYS A 41 21.36 -7.59 10.10
N ILE A 42 20.82 -7.51 8.89
CA ILE A 42 20.28 -6.26 8.34
C ILE A 42 18.89 -6.00 8.92
N LEU A 43 18.65 -4.76 9.35
CA LEU A 43 17.40 -4.33 9.98
C LEU A 43 16.45 -3.66 9.00
N GLY A 44 17.00 -2.73 8.23
CA GLY A 44 16.27 -2.06 7.14
C GLY A 44 17.28 -1.54 6.13
N GLU A 45 16.80 -1.05 4.99
CA GLU A 45 17.66 -0.52 3.93
C GLU A 45 17.51 0.99 3.88
N GLY A 46 18.62 1.72 3.94
CA GLY A 46 18.62 3.19 3.98
C GLY A 46 19.12 3.79 2.68
N GLU A 47 19.18 5.12 2.65
CA GLU A 47 19.61 5.90 1.47
C GLU A 47 20.98 5.47 0.94
N PHE A 48 21.99 5.51 1.81
CA PHE A 48 23.39 5.23 1.43
C PHE A 48 23.82 3.76 1.57
N GLY A 49 22.99 2.93 2.21
CA GLY A 49 23.33 1.53 2.43
C GLY A 49 22.43 0.86 3.45
N SER A 50 22.87 -0.27 3.96
CA SER A 50 22.09 -1.08 4.91
C SER A 50 22.18 -0.51 6.33
N VAL A 51 21.10 -0.69 7.10
CA VAL A 51 21.10 -0.46 8.54
C VAL A 51 21.16 -1.84 9.17
N MET A 52 22.18 -2.04 10.01
CA MET A 52 22.44 -3.34 10.61
C MET A 52 22.28 -3.27 12.12
N GLU A 53 21.89 -4.39 12.71
CA GLU A 53 21.96 -4.57 14.15
C GLU A 53 23.42 -4.63 14.54
N GLY A 54 23.70 -4.26 15.78
CA GLY A 54 25.02 -4.43 16.34
C GLY A 54 25.05 -4.45 17.85
N ASN A 55 26.19 -4.89 18.37
CA ASN A 55 26.52 -4.84 19.80
C ASN A 55 27.64 -3.83 19.97
N LEU A 56 27.44 -2.86 20.86
CA LEU A 56 28.47 -1.87 21.21
C LEU A 56 28.95 -2.10 22.63
N LYS A 57 30.25 -2.32 22.80
CA LYS A 57 30.84 -2.43 24.14
C LYS A 57 31.04 -1.02 24.67
N GLN A 58 30.43 -0.72 25.82
CA GLN A 58 30.41 0.63 26.38
C GLN A 58 31.50 0.85 27.42
N GLU A 59 31.62 2.10 27.88
CA GLU A 59 32.65 2.50 28.83
C GLU A 59 32.58 1.75 30.18
N ASP A 60 31.37 1.36 30.59
CA ASP A 60 31.16 0.54 31.80
C ASP A 60 31.43 -0.96 31.63
N GLY A 61 31.95 -1.38 30.48
CA GLY A 61 32.23 -2.80 30.22
C GLY A 61 31.08 -3.60 29.64
N THR A 62 29.84 -3.12 29.79
CA THR A 62 28.67 -3.83 29.29
C THR A 62 28.51 -3.62 27.79
N SER A 63 27.65 -4.44 27.19
CA SER A 63 27.36 -4.37 25.76
C SER A 63 25.92 -3.92 25.52
N LEU A 64 25.75 -2.99 24.58
CA LEU A 64 24.45 -2.41 24.26
C LEU A 64 24.07 -2.77 22.83
N LYS A 65 22.81 -3.15 22.63
CA LYS A 65 22.31 -3.36 21.28
C LYS A 65 22.20 -1.99 20.61
N VAL A 66 22.70 -1.91 19.38
CA VAL A 66 22.69 -0.67 18.62
C VAL A 66 22.21 -0.92 17.19
N ALA A 67 21.85 0.16 16.50
CA ALA A 67 21.64 0.15 15.07
C ALA A 67 22.82 0.84 14.41
N VAL A 68 23.26 0.31 13.27
CA VAL A 68 24.42 0.82 12.56
C VAL A 68 24.10 1.15 11.10
N LYS A 69 24.03 2.44 10.79
CA LYS A 69 23.84 2.90 9.41
C LYS A 69 25.16 2.88 8.69
N THR A 70 25.20 2.12 7.60
CA THR A 70 26.35 1.94 6.74
C THR A 70 26.06 2.60 5.38
N MET A 91 23.64 16.52 14.28
CA MET A 91 22.86 15.53 15.08
C MET A 91 23.41 15.26 16.49
N LYS A 92 24.73 15.36 16.68
CA LYS A 92 25.33 15.07 17.99
C LYS A 92 24.96 16.07 19.10
N ASP A 93 24.70 17.32 18.72
CA ASP A 93 24.20 18.31 19.70
C ASP A 93 22.78 18.01 20.22
N PHE A 94 21.95 17.36 19.42
CA PHE A 94 20.55 17.16 19.78
C PHE A 94 20.40 16.26 21.00
N SER A 95 19.68 16.75 22.00
CA SER A 95 19.35 15.95 23.18
C SER A 95 17.88 16.19 23.53
N HIS A 96 17.05 15.21 23.23
CA HIS A 96 15.60 15.28 23.48
C HIS A 96 15.04 13.86 23.33
N PRO A 97 14.11 13.45 24.21
CA PRO A 97 13.64 12.05 24.20
C PRO A 97 12.92 11.59 22.92
N ASN A 98 12.21 12.52 22.28
CA ASN A 98 11.56 12.27 20.97
C ASN A 98 12.41 12.63 19.73
N VAL A 99 13.73 12.66 19.87
CA VAL A 99 14.64 12.89 18.74
C VAL A 99 15.73 11.84 18.83
N MET A 100 16.01 11.19 17.72
CA MET A 100 17.07 10.21 17.64
C MET A 100 18.41 10.81 18.07
N ARG A 101 19.00 10.25 19.13
CA ARG A 101 20.36 10.62 19.57
C ARG A 101 21.42 9.87 18.73
N LEU A 102 22.53 10.55 18.45
CA LEU A 102 23.72 9.93 17.91
C LEU A 102 24.60 9.37 19.03
N LEU A 103 24.92 8.07 18.94
CA LEU A 103 25.84 7.42 19.89
C LEU A 103 27.32 7.62 19.49
N GLY A 104 27.62 7.56 18.20
CA GLY A 104 28.95 7.85 17.69
C GLY A 104 29.15 7.43 16.24
N VAL A 105 30.42 7.45 15.81
CA VAL A 105 30.81 7.06 14.45
C VAL A 105 32.00 6.10 14.52
N CYS A 106 32.00 5.09 13.65
CA CYS A 106 33.16 4.24 13.42
C CYS A 106 33.52 4.36 11.95
N ILE A 107 34.82 4.41 11.67
CA ILE A 107 35.33 4.26 10.32
C ILE A 107 36.02 2.91 10.31
N GLU A 108 35.48 1.97 9.54
CA GLU A 108 36.16 0.72 9.26
C GLU A 108 37.06 0.95 8.06
N MET A 109 38.13 0.17 7.99
CA MET A 109 38.98 0.15 6.84
C MET A 109 38.59 -1.08 6.04
N SER A 110 38.31 -0.88 4.75
CA SER A 110 38.06 -1.99 3.83
C SER A 110 39.36 -2.77 3.60
N SER A 111 39.28 -3.87 2.87
CA SER A 111 40.49 -4.63 2.48
C SER A 111 41.38 -3.85 1.53
N GLN A 112 40.81 -3.00 0.69
CA GLN A 112 41.59 -2.16 -0.23
C GLN A 112 41.95 -0.79 0.36
N GLY A 113 41.41 -0.47 1.53
CA GLY A 113 41.69 0.78 2.22
C GLY A 113 40.64 1.86 2.00
N ILE A 114 39.57 1.56 1.25
CA ILE A 114 38.49 2.53 1.04
C ILE A 114 37.68 2.69 2.36
N PRO A 115 37.49 3.93 2.84
CA PRO A 115 36.69 4.15 4.04
C PRO A 115 35.26 3.60 3.96
N LYS A 116 34.81 3.03 5.07
CA LYS A 116 33.45 2.57 5.24
C LYS A 116 32.97 3.26 6.52
N PRO A 117 32.37 4.47 6.41
CA PRO A 117 31.91 5.13 7.63
C PRO A 117 30.59 4.52 8.10
N MET A 118 30.40 4.46 9.42
CA MET A 118 29.19 3.88 10.02
C MET A 118 28.66 4.78 11.13
N VAL A 119 27.35 5.06 11.10
CA VAL A 119 26.70 5.87 12.11
C VAL A 119 26.00 4.97 13.13
N ILE A 120 26.28 5.16 14.41
CA ILE A 120 25.79 4.28 15.48
C ILE A 120 24.63 4.97 16.20
N LEU A 121 23.47 4.32 16.21
CA LEU A 121 22.24 4.88 16.79
C LEU A 121 21.63 3.88 17.80
N PRO A 122 20.73 4.36 18.69
CA PRO A 122 20.07 3.43 19.61
C PRO A 122 19.17 2.46 18.87
N PHE A 123 19.06 1.25 19.43
CA PHE A 123 18.21 0.21 18.88
C PHE A 123 16.75 0.48 19.22
N MET A 124 15.89 0.38 18.22
CA MET A 124 14.46 0.65 18.33
C MET A 124 13.72 -0.68 18.15
N LYS A 125 13.41 -1.33 19.27
CA LYS A 125 12.80 -2.66 19.26
C LYS A 125 11.63 -2.85 18.29
N TYR A 126 10.75 -1.87 18.26
CA TYR A 126 9.53 -1.94 17.44
C TYR A 126 9.67 -1.37 16.03
N GLY A 127 10.86 -0.96 15.60
CA GLY A 127 11.09 -0.51 14.23
C GLY A 127 10.33 0.76 13.92
N ASP A 128 10.12 1.03 12.63
CA ASP A 128 9.47 2.27 12.18
C ASP A 128 7.98 2.27 12.48
N LEU A 129 7.43 3.47 12.67
CA LEU A 129 6.02 3.64 13.04
C LEU A 129 5.05 3.20 11.93
N HIS A 130 5.40 3.45 10.67
CA HIS A 130 4.56 3.09 9.53
C HIS A 130 4.22 1.59 9.53
N THR A 131 5.27 0.77 9.56
CA THR A 131 5.13 -0.67 9.65
C THR A 131 4.34 -1.11 10.90
N TYR A 132 4.57 -0.44 12.02
CA TYR A 132 3.88 -0.77 13.25
C TYR A 132 2.38 -0.59 13.12
N LEU A 133 1.99 0.52 12.49
CA LEU A 133 0.57 0.81 12.25
C LEU A 133 -0.08 -0.26 11.36
N LEU A 134 0.62 -0.67 10.29
CA LEU A 134 0.15 -1.72 9.40
C LEU A 134 -0.08 -3.00 10.20
N TYR A 135 0.93 -3.42 10.94
CA TYR A 135 0.82 -4.61 11.79
C TYR A 135 -0.35 -4.54 12.76
N SER A 136 -0.68 -3.35 13.26
CA SER A 136 -1.81 -3.18 14.19
C SER A 136 -3.15 -3.61 13.59
N ARG A 137 -3.26 -3.57 12.25
CA ARG A 137 -4.46 -4.05 11.54
C ARG A 137 -4.52 -5.57 11.28
N LEU A 138 -3.61 -6.32 11.90
CA LEU A 138 -3.54 -7.78 11.78
C LEU A 138 -3.59 -8.41 13.18
N GLU A 139 -4.16 -9.62 13.24
CA GLU A 139 -4.37 -10.32 14.52
C GLU A 139 -3.10 -10.65 15.30
N THR A 140 -2.05 -11.12 14.61
CA THR A 140 -0.79 -11.50 15.29
C THR A 140 0.10 -10.30 15.69
N GLY A 141 -0.03 -9.18 14.98
CA GLY A 141 0.62 -7.93 15.37
C GLY A 141 -0.10 -7.27 16.55
N PRO A 142 0.34 -6.06 16.95
CA PRO A 142 -0.26 -5.37 18.11
C PRO A 142 -1.78 -5.23 18.06
N LYS A 143 -2.40 -5.06 19.23
CA LYS A 143 -3.86 -5.06 19.35
C LYS A 143 -4.45 -3.82 18.68
N HIS A 144 -5.79 -3.75 18.60
CA HIS A 144 -6.46 -2.48 18.32
C HIS A 144 -5.81 -1.35 19.14
N ILE A 145 -5.03 -0.52 18.45
CA ILE A 145 -4.44 0.67 19.03
C ILE A 145 -5.59 1.66 19.20
N PRO A 146 -5.90 2.06 20.46
CA PRO A 146 -6.98 3.03 20.63
C PRO A 146 -6.55 4.43 20.20
N LEU A 147 -7.52 5.34 20.10
CA LEU A 147 -7.27 6.72 19.68
C LEU A 147 -6.21 7.41 20.56
N GLN A 148 -6.26 7.12 21.85
CA GLN A 148 -5.34 7.70 22.84
C GLN A 148 -3.88 7.43 22.48
N THR A 149 -3.58 6.20 22.12
CA THR A 149 -2.23 5.80 21.75
C THR A 149 -1.79 6.46 20.44
N LEU A 150 -2.73 6.62 19.50
CA LEU A 150 -2.44 7.27 18.22
C LEU A 150 -2.13 8.75 18.39
N LEU A 151 -2.89 9.45 19.24
CA LEU A 151 -2.62 10.85 19.55
C LEU A 151 -1.28 11.03 20.24
N LYS A 152 -0.96 10.13 21.16
CA LYS A 152 0.33 10.12 21.88
C LYS A 152 1.50 10.01 20.90
N PHE A 153 1.36 9.19 19.86
CA PHE A 153 2.36 9.15 18.78
C PHE A 153 2.48 10.50 18.11
N MET A 154 1.34 11.16 17.89
CA MET A 154 1.34 12.49 17.30
C MET A 154 2.00 13.54 18.21
N VAL A 155 1.68 13.47 19.50
CA VAL A 155 2.27 14.38 20.50
C VAL A 155 3.79 14.23 20.59
N ASP A 156 4.26 12.99 20.72
CA ASP A 156 5.71 12.70 20.71
C ASP A 156 6.41 13.34 19.51
N ILE A 157 5.86 13.15 18.31
CA ILE A 157 6.47 13.69 17.09
C ILE A 157 6.48 15.21 17.10
N ALA A 158 5.37 15.79 17.55
CA ALA A 158 5.25 17.24 17.68
C ALA A 158 6.30 17.78 18.66
N LEU A 159 6.44 17.13 19.83
CA LEU A 159 7.48 17.46 20.81
C LEU A 159 8.87 17.46 20.17
N GLY A 160 9.20 16.38 19.47
CA GLY A 160 10.47 16.28 18.76
C GLY A 160 10.68 17.39 17.73
N MET A 161 9.67 17.63 16.91
CA MET A 161 9.75 18.68 15.91
C MET A 161 9.77 20.07 16.52
N GLU A 162 9.12 20.25 17.68
CA GLU A 162 9.18 21.52 18.41
C GLU A 162 10.62 21.83 18.84
N TYR A 163 11.32 20.81 19.33
CA TYR A 163 12.71 20.91 19.71
C TYR A 163 13.59 21.32 18.52
N LEU A 164 13.43 20.64 17.38
CA LEU A 164 14.27 20.92 16.21
C LEU A 164 14.02 22.28 15.57
N SER A 165 12.75 22.64 15.44
CA SER A 165 12.34 23.93 14.89
C SER A 165 12.82 25.11 15.76
N ASN A 166 12.81 24.93 17.08
CA ASN A 166 13.38 25.90 18.02
C ASN A 166 14.89 26.13 17.85
N ARG A 167 15.60 25.10 17.40
CA ARG A 167 17.02 25.21 17.02
C ARG A 167 17.21 25.45 15.52
N ASN A 168 16.18 26.00 14.87
CA ASN A 168 16.16 26.32 13.44
C ASN A 168 16.68 25.23 12.50
N PHE A 169 16.41 23.99 12.88
CA PHE A 169 16.85 22.82 12.12
C PHE A 169 15.67 22.28 11.31
N LEU A 170 15.83 22.23 10.00
CA LEU A 170 14.82 21.66 9.09
C LEU A 170 15.06 20.16 8.90
N HIS A 171 13.96 19.39 8.89
CA HIS A 171 14.01 17.92 8.76
C HIS A 171 14.06 17.52 7.29
N ARG A 172 13.13 18.06 6.50
CA ARG A 172 13.04 17.86 5.04
C ARG A 172 12.63 16.46 4.55
N ASP A 173 12.18 15.59 5.44
CA ASP A 173 11.79 14.22 5.05
C ASP A 173 10.94 13.55 6.14
N LEU A 174 10.02 14.31 6.73
CA LEU A 174 9.23 13.82 7.83
C LEU A 174 8.08 12.97 7.30
N ALA A 175 7.98 11.75 7.80
CA ALA A 175 6.93 10.81 7.43
C ALA A 175 6.89 9.73 8.50
N ALA A 176 5.79 8.99 8.58
CA ALA A 176 5.67 7.93 9.59
C ALA A 176 6.77 6.85 9.48
N ARG A 177 7.28 6.61 8.27
CA ARG A 177 8.36 5.63 8.10
C ARG A 177 9.70 6.11 8.68
N ASN A 178 9.86 7.42 8.87
CA ASN A 178 11.03 8.01 9.52
C ASN A 178 10.87 8.31 11.01
N CYS A 179 9.76 7.85 11.59
CA CYS A 179 9.52 7.93 13.03
C CYS A 179 9.72 6.55 13.63
N MET A 180 10.66 6.43 14.57
CA MET A 180 11.03 5.13 15.17
C MET A 180 10.41 4.96 16.57
N LEU A 181 10.12 3.72 16.95
CA LEU A 181 9.51 3.40 18.24
C LEU A 181 10.50 2.82 19.22
N ARG A 182 10.63 3.46 20.38
CA ARG A 182 11.48 2.97 21.46
C ARG A 182 10.83 1.79 22.14
N ASP A 183 11.60 1.07 22.96
CA ASP A 183 11.10 -0.08 23.72
C ASP A 183 10.05 0.30 24.79
N ASP A 184 10.09 1.54 25.28
CA ASP A 184 8.97 2.10 26.09
C ASP A 184 7.75 2.56 25.27
N MET A 185 7.80 2.34 23.95
CA MET A 185 6.78 2.75 22.99
C MET A 185 6.56 4.25 22.82
N THR A 186 7.56 5.06 23.20
CA THR A 186 7.58 6.46 22.83
C THR A 186 8.21 6.57 21.44
N VAL A 187 7.71 7.51 20.65
CA VAL A 187 8.18 7.72 19.28
C VAL A 187 9.28 8.77 19.28
N CYS A 188 10.29 8.57 18.44
CA CYS A 188 11.21 9.65 18.12
C CYS A 188 11.37 9.84 16.63
N VAL A 189 11.79 11.04 16.29
CA VAL A 189 12.03 11.46 14.94
C VAL A 189 13.47 11.12 14.49
N ALA A 190 13.61 10.64 13.25
CA ALA A 190 14.89 10.18 12.71
C ALA A 190 15.05 10.59 11.25
N ASP A 191 16.21 10.29 10.68
CA ASP A 191 16.48 10.40 9.24
C ASP A 191 16.61 11.85 8.74
N PHE A 192 17.49 12.59 9.40
CA PHE A 192 17.78 13.99 9.08
C PHE A 192 19.27 14.20 8.88
N MET A 212 12.91 12.26 -1.69
CA MET A 212 12.04 13.40 -2.14
C MET A 212 10.60 12.93 -2.45
N PRO A 213 9.96 12.22 -1.50
CA PRO A 213 8.66 11.57 -1.78
C PRO A 213 7.55 12.61 -1.94
N VAL A 214 7.06 12.75 -3.18
CA VAL A 214 6.27 13.93 -3.57
C VAL A 214 5.06 14.18 -2.66
N LYS A 215 4.44 13.11 -2.19
CA LYS A 215 3.21 13.22 -1.38
C LYS A 215 3.35 13.78 0.03
N TRP A 216 4.58 14.07 0.48
CA TRP A 216 4.81 14.75 1.75
C TRP A 216 5.34 16.17 1.59
N ILE A 217 5.59 16.59 0.35
CA ILE A 217 6.15 17.91 0.07
C ILE A 217 5.05 18.95 -0.03
N ALA A 218 5.27 20.13 0.55
CA ALA A 218 4.32 21.22 0.44
C ALA A 218 4.45 21.92 -0.93
N ILE A 219 3.35 22.56 -1.37
CA ILE A 219 3.27 23.22 -2.70
C ILE A 219 4.45 24.12 -3.09
N GLU A 220 4.92 24.93 -2.14
CA GLU A 220 5.93 25.98 -2.41
C GLU A 220 7.32 25.41 -2.73
N THR A 228 11.30 25.76 4.29
CA THR A 228 11.17 26.37 5.63
C THR A 228 10.66 25.34 6.65
N SER A 229 10.55 25.76 7.91
CA SER A 229 9.96 24.89 8.92
C SER A 229 8.47 24.67 8.69
N LYS A 230 7.83 25.57 7.96
CA LYS A 230 6.41 25.39 7.59
C LYS A 230 6.18 24.32 6.52
N SER A 231 7.22 24.01 5.73
CA SER A 231 7.24 22.80 4.90
C SER A 231 7.22 21.55 5.77
N ASP A 232 8.04 21.55 6.83
CA ASP A 232 8.03 20.46 7.83
C ASP A 232 6.66 20.32 8.50
N VAL A 233 5.99 21.43 8.76
CA VAL A 233 4.65 21.41 9.37
C VAL A 233 3.65 20.70 8.46
N TRP A 234 3.74 20.95 7.15
CA TRP A 234 2.91 20.27 6.15
C TRP A 234 3.10 18.78 6.25
N ALA A 235 4.37 18.35 6.19
CA ALA A 235 4.69 16.93 6.29
C ALA A 235 4.22 16.28 7.59
N PHE A 236 4.24 17.03 8.69
CA PHE A 236 3.74 16.52 9.97
C PHE A 236 2.23 16.29 9.93
N GLY A 237 1.50 17.18 9.28
CA GLY A 237 0.08 16.97 9.03
C GLY A 237 -0.19 15.70 8.23
N VAL A 238 0.62 15.47 7.20
CA VAL A 238 0.49 14.25 6.39
C VAL A 238 0.79 13.03 7.27
N THR A 239 1.82 13.15 8.10
CA THR A 239 2.20 12.12 9.03
C THR A 239 1.08 11.82 10.02
N MET A 240 0.44 12.86 10.56
CA MET A 240 -0.73 12.69 11.44
C MET A 240 -1.83 11.87 10.72
N TRP A 241 -2.01 12.14 9.43
CA TRP A 241 -2.99 11.43 8.59
C TRP A 241 -2.61 9.97 8.42
N GLU A 242 -1.33 9.69 8.15
CA GLU A 242 -0.81 8.30 8.12
C GLU A 242 -1.12 7.55 9.40
N ILE A 243 -0.96 8.24 10.52
CA ILE A 243 -1.22 7.66 11.83
C ILE A 243 -2.71 7.45 12.06
N ALA A 244 -3.52 8.47 11.74
CA ALA A 244 -4.98 8.37 11.85
C ALA A 244 -5.58 7.25 10.99
N THR A 245 -5.02 7.06 9.79
CA THR A 245 -5.46 5.99 8.88
C THR A 245 -4.77 4.66 9.16
N ARG A 246 -3.75 4.69 10.03
CA ARG A 246 -2.93 3.54 10.37
C ARG A 246 -2.23 2.92 9.16
N GLY A 247 -1.64 3.78 8.33
CA GLY A 247 -0.74 3.34 7.28
C GLY A 247 -1.21 3.42 5.85
N MET A 248 -2.34 4.07 5.58
CA MET A 248 -2.74 4.36 4.21
C MET A 248 -1.71 5.27 3.57
N THR A 249 -1.39 4.97 2.32
CA THR A 249 -0.63 5.89 1.48
C THR A 249 -1.47 7.15 1.28
N PRO A 250 -0.85 8.34 1.41
CA PRO A 250 -1.58 9.58 1.14
C PRO A 250 -2.21 9.67 -0.27
N TYR A 251 -3.41 10.24 -0.34
CA TYR A 251 -4.08 10.60 -1.61
C TYR A 251 -4.39 9.36 -2.46
N PRO A 252 -5.25 8.46 -1.95
CA PRO A 252 -5.67 7.34 -2.77
C PRO A 252 -6.38 7.82 -4.04
N GLY A 253 -6.10 7.15 -5.15
CA GLY A 253 -6.62 7.55 -6.45
C GLY A 253 -5.99 8.81 -7.04
N VAL A 254 -4.79 9.19 -6.58
CA VAL A 254 -4.05 10.31 -7.16
C VAL A 254 -2.61 9.87 -7.41
N GLN A 255 -2.11 10.06 -8.62
CA GLN A 255 -0.73 9.70 -8.98
C GLN A 255 0.23 10.79 -8.52
N ASN A 256 1.53 10.45 -8.41
CA ASN A 256 2.56 11.42 -8.01
C ASN A 256 2.69 12.60 -8.96
N HIS A 257 2.69 12.35 -10.27
CA HIS A 257 2.73 13.43 -11.28
C HIS A 257 1.50 14.36 -11.25
N GLU A 258 0.36 13.86 -10.74
CA GLU A 258 -0.85 14.68 -10.57
C GLU A 258 -0.86 15.59 -9.32
N MET A 259 0.08 15.40 -8.39
CA MET A 259 -0.02 16.03 -7.06
C MET A 259 -0.05 17.56 -7.06
N TYR A 260 0.81 18.20 -7.84
CA TYR A 260 0.88 19.66 -7.85
C TYR A 260 -0.43 20.32 -8.29
N ASP A 261 -1.05 19.77 -9.34
CA ASP A 261 -2.34 20.26 -9.86
C ASP A 261 -3.49 20.01 -8.89
N TYR A 262 -3.49 18.83 -8.27
CA TYR A 262 -4.47 18.45 -7.25
C TYR A 262 -4.46 19.41 -6.06
N LEU A 263 -3.26 19.76 -5.59
CA LEU A 263 -3.09 20.69 -4.47
C LEU A 263 -3.35 22.13 -4.91
N LEU A 264 -2.85 22.51 -6.10
CA LEU A 264 -3.04 23.88 -6.64
C LEU A 264 -4.52 24.29 -6.76
N HIS A 265 -5.38 23.31 -7.00
CA HIS A 265 -6.84 23.52 -7.03
C HIS A 265 -7.50 23.46 -5.64
N GLY A 266 -6.69 23.52 -4.57
CA GLY A 266 -7.19 23.57 -3.20
C GLY A 266 -7.66 22.27 -2.60
N HIS A 267 -7.43 21.13 -3.25
CA HIS A 267 -7.83 19.82 -2.68
C HIS A 267 -6.78 19.36 -1.67
N ARG A 268 -7.24 18.69 -0.62
CA ARG A 268 -6.38 18.19 0.47
C ARG A 268 -6.77 16.77 0.87
N LEU A 269 -5.92 16.15 1.70
CA LEU A 269 -6.20 14.83 2.27
C LEU A 269 -7.53 14.83 2.98
N LYS A 270 -8.37 13.86 2.65
CA LYS A 270 -9.73 13.81 3.15
C LYS A 270 -9.72 13.31 4.59
N GLN A 271 -10.71 13.73 5.36
CA GLN A 271 -10.87 13.28 6.75
C GLN A 271 -11.02 11.75 6.80
N PRO A 272 -10.19 11.07 7.62
CA PRO A 272 -10.35 9.62 7.82
C PRO A 272 -11.66 9.23 8.51
N GLU A 273 -11.98 7.95 8.39
CA GLU A 273 -13.31 7.38 8.66
C GLU A 273 -13.94 7.80 10.00
N ASP A 274 -13.40 7.29 11.11
CA ASP A 274 -14.01 7.53 12.43
C ASP A 274 -13.21 8.59 13.24
N CYS A 275 -12.52 9.49 12.53
CA CYS A 275 -11.56 10.41 13.14
C CYS A 275 -12.25 11.74 13.48
N LEU A 276 -12.03 12.22 14.71
CA LEU A 276 -12.71 13.40 15.25
C LEU A 276 -12.52 14.63 14.40
N ASP A 277 -13.55 15.48 14.35
CA ASP A 277 -13.50 16.76 13.62
C ASP A 277 -12.38 17.66 14.15
N GLU A 278 -12.19 17.64 15.46
CA GLU A 278 -11.13 18.44 16.13
C GLU A 278 -9.74 18.00 15.67
N LEU A 279 -9.54 16.70 15.56
CA LEU A 279 -8.26 16.18 15.06
C LEU A 279 -8.04 16.58 13.60
N TYR A 280 -9.08 16.48 12.78
CA TYR A 280 -8.98 16.81 11.37
C TYR A 280 -8.69 18.30 11.16
N GLU A 281 -9.30 19.16 11.98
CA GLU A 281 -8.97 20.61 11.97
C GLU A 281 -7.49 20.87 12.21
N ILE A 282 -6.91 20.16 13.17
CA ILE A 282 -5.48 20.31 13.47
C ILE A 282 -4.63 19.90 12.26
N MET A 283 -4.88 18.72 11.69
CA MET A 283 -4.08 18.31 10.53
C MET A 283 -4.32 19.20 9.31
N TYR A 284 -5.56 19.64 9.10
CA TYR A 284 -5.89 20.55 7.99
C TYR A 284 -5.13 21.88 8.06
N SER A 285 -5.04 22.46 9.26
CA SER A 285 -4.28 23.69 9.48
C SER A 285 -2.83 23.59 8.99
N CYS A 286 -2.28 22.37 8.95
CA CYS A 286 -0.92 22.17 8.45
C CYS A 286 -0.79 22.32 6.95
N TRP A 287 -1.89 22.26 6.21
CA TRP A 287 -1.84 22.32 4.76
C TRP A 287 -2.45 23.58 4.15
N ARG A 288 -2.43 24.69 4.90
CA ARG A 288 -2.89 25.97 4.36
C ARG A 288 -1.95 26.39 3.24
N THR A 289 -2.52 26.98 2.18
CA THR A 289 -1.75 27.39 0.99
C THR A 289 -0.61 28.33 1.38
N ASP A 290 -0.95 29.35 2.17
CA ASP A 290 0.01 30.31 2.67
C ASP A 290 0.71 29.67 3.86
N PRO A 291 2.03 29.42 3.76
CA PRO A 291 2.73 28.80 4.90
C PRO A 291 2.68 29.62 6.19
N LEU A 292 2.48 30.93 6.07
CA LEU A 292 2.31 31.80 7.23
C LEU A 292 0.99 31.57 7.99
N ASP A 293 -0.01 30.98 7.33
CA ASP A 293 -1.24 30.57 8.00
C ASP A 293 -1.12 29.27 8.80
N ARG A 294 -0.05 28.51 8.58
CA ARG A 294 0.14 27.24 9.27
C ARG A 294 0.64 27.54 10.70
N PRO A 295 0.19 26.75 11.68
CA PRO A 295 0.67 26.92 13.06
C PRO A 295 2.12 26.46 13.23
N THR A 296 2.79 26.90 14.28
CA THR A 296 4.12 26.41 14.61
C THR A 296 4.00 25.04 15.25
N PHE A 297 5.12 24.34 15.33
CA PHE A 297 5.16 23.06 16.05
C PHE A 297 4.78 23.16 17.53
N SER A 298 5.11 24.27 18.18
CA SER A 298 4.75 24.42 19.58
C SER A 298 3.25 24.65 19.75
N VAL A 299 2.62 25.36 18.79
CA VAL A 299 1.15 25.50 18.77
C VAL A 299 0.48 24.13 18.58
N LEU A 300 0.92 23.40 17.56
CA LEU A 300 0.38 22.06 17.29
C LEU A 300 0.52 21.12 18.48
N ARG A 301 1.68 21.15 19.11
CA ARG A 301 1.95 20.26 20.21
C ARG A 301 0.92 20.43 21.33
N LEU A 302 0.63 21.68 21.68
CA LEU A 302 -0.33 21.96 22.75
C LEU A 302 -1.74 21.58 22.34
N GLN A 303 -2.13 21.94 21.12
CA GLN A 303 -3.44 21.55 20.57
C GLN A 303 -3.67 20.04 20.63
N LEU A 304 -2.65 19.28 20.24
CA LEU A 304 -2.69 17.82 20.37
C LEU A 304 -2.73 17.35 21.83
N GLU A 305 -1.89 17.95 22.68
CA GLU A 305 -1.90 17.61 24.12
C GLU A 305 -3.26 17.87 24.74
N LYS A 306 -3.84 19.03 24.43
CA LYS A 306 -5.17 19.40 24.94
C LYS A 306 -6.26 18.43 24.47
N LEU A 307 -6.21 18.04 23.20
CA LEU A 307 -7.16 17.09 22.66
C LEU A 307 -7.04 15.74 23.37
N LEU A 308 -5.80 15.29 23.57
CA LEU A 308 -5.56 14.01 24.25
C LEU A 308 -6.14 14.04 25.65
N GLU A 309 -5.91 15.12 26.39
CA GLU A 309 -6.39 15.23 27.77
C GLU A 309 -7.92 15.25 27.91
N SER A 310 -8.64 15.66 26.86
CA SER A 310 -10.11 15.68 26.85
C SER A 310 -10.80 14.33 26.58
N LEU A 311 -10.06 13.24 26.39
CA LEU A 311 -10.66 11.91 26.14
C LEU A 311 -10.83 11.11 27.43
N GLU B 28 -9.76 -12.23 -36.49
CA GLU B 28 -10.31 -10.97 -37.11
C GLU B 28 -11.84 -10.99 -37.36
N ASP B 29 -12.55 -11.77 -36.53
CA ASP B 29 -14.00 -11.72 -36.41
C ASP B 29 -14.36 -10.69 -35.30
N VAL B 30 -13.34 -10.25 -34.56
CA VAL B 30 -13.48 -9.47 -33.33
C VAL B 30 -13.24 -7.96 -33.56
N VAL B 31 -12.81 -7.61 -34.77
CA VAL B 31 -12.30 -6.28 -35.07
C VAL B 31 -13.44 -5.27 -35.18
N ILE B 32 -13.16 -4.02 -34.84
CA ILE B 32 -14.07 -2.90 -34.98
C ILE B 32 -13.42 -1.88 -35.93
N ASP B 33 -14.22 -1.35 -36.85
CA ASP B 33 -13.81 -0.25 -37.73
C ASP B 33 -13.35 0.91 -36.86
N ARG B 34 -12.08 1.31 -37.03
CA ARG B 34 -11.45 2.38 -36.24
C ARG B 34 -12.26 3.70 -36.24
N ASN B 35 -12.96 3.96 -37.33
CA ASN B 35 -13.80 5.17 -37.47
C ASN B 35 -15.01 5.23 -36.53
N LEU B 36 -15.44 4.10 -35.98
CA LEU B 36 -16.51 4.06 -34.98
C LEU B 36 -16.07 4.47 -33.57
N LEU B 37 -14.79 4.82 -33.40
CA LEU B 37 -14.21 5.06 -32.09
C LEU B 37 -13.61 6.45 -31.99
N ILE B 38 -13.96 7.16 -30.91
CA ILE B 38 -13.39 8.47 -30.59
C ILE B 38 -12.66 8.33 -29.24
N LEU B 39 -11.41 8.78 -29.19
CA LEU B 39 -10.55 8.65 -28.00
C LEU B 39 -10.46 9.95 -27.23
N GLY B 40 -10.55 9.85 -25.91
CA GLY B 40 -10.41 11.01 -25.02
C GLY B 40 -9.18 10.91 -24.15
N LYS B 41 -9.26 11.47 -22.95
CA LYS B 41 -8.09 11.59 -22.08
C LYS B 41 -7.65 10.26 -21.44
N ILE B 42 -6.42 10.26 -20.93
CA ILE B 42 -5.77 9.06 -20.40
C ILE B 42 -6.24 8.78 -18.98
N LEU B 43 -6.49 7.52 -18.66
CA LEU B 43 -6.91 7.10 -17.31
C LEU B 43 -5.78 6.44 -16.51
N SER B 50 -1.18 2.19 -22.29
CA SER B 50 -2.19 3.19 -21.77
C SER B 50 -3.60 2.62 -21.69
N VAL B 51 -4.38 3.16 -20.77
CA VAL B 51 -5.84 3.07 -20.83
C VAL B 51 -6.47 4.46 -21.00
N MET B 52 -7.28 4.61 -22.05
CA MET B 52 -7.96 5.87 -22.39
C MET B 52 -9.47 5.72 -22.35
N GLU B 53 -10.16 6.80 -22.01
CA GLU B 53 -11.60 6.88 -22.20
C GLU B 53 -11.90 6.94 -23.70
N GLY B 54 -13.09 6.49 -24.07
CA GLY B 54 -13.55 6.64 -25.45
C GLY B 54 -15.05 6.55 -25.61
N ASN B 55 -15.51 6.94 -26.79
CA ASN B 55 -16.89 6.76 -27.25
C ASN B 55 -16.88 5.75 -28.39
N LEU B 56 -17.68 4.69 -28.26
CA LEU B 56 -17.87 3.71 -29.33
C LEU B 56 -19.27 3.82 -29.94
N LYS B 57 -19.34 4.05 -31.25
CA LYS B 57 -20.61 4.02 -31.96
C LYS B 57 -20.98 2.57 -32.23
N GLN B 58 -22.15 2.14 -31.74
CA GLN B 58 -22.57 0.74 -31.80
C GLN B 58 -23.49 0.46 -32.99
N GLU B 59 -23.82 -0.82 -33.19
CA GLU B 59 -24.64 -1.27 -34.33
C GLU B 59 -26.06 -0.67 -34.34
N ASP B 60 -26.60 -0.35 -33.16
CA ASP B 60 -27.90 0.32 -33.03
C ASP B 60 -27.87 1.85 -33.26
N GLY B 61 -26.72 2.39 -33.68
CA GLY B 61 -26.58 3.83 -33.90
C GLY B 61 -26.17 4.64 -32.68
N THR B 62 -26.39 4.10 -31.48
CA THR B 62 -26.07 4.82 -30.24
C THR B 62 -24.57 4.77 -29.95
N SER B 63 -24.13 5.63 -29.04
CA SER B 63 -22.73 5.72 -28.63
C SER B 63 -22.60 5.26 -27.19
N LEU B 64 -21.59 4.44 -26.93
CA LEU B 64 -21.33 3.88 -25.61
C LEU B 64 -19.96 4.38 -25.10
N LYS B 65 -19.90 4.75 -23.82
CA LYS B 65 -18.64 5.11 -23.21
C LYS B 65 -17.86 3.82 -23.02
N VAL B 66 -16.59 3.85 -23.41
CA VAL B 66 -15.73 2.69 -23.32
C VAL B 66 -14.39 3.05 -22.69
N ALA B 67 -13.68 2.04 -22.24
CA ALA B 67 -12.27 2.15 -21.87
C ALA B 67 -11.47 1.47 -22.96
N VAL B 68 -10.34 2.06 -23.33
CA VAL B 68 -9.52 1.56 -24.42
C VAL B 68 -8.09 1.32 -23.93
N LYS B 69 -7.75 0.03 -23.78
CA LYS B 69 -6.38 -0.40 -23.46
C LYS B 69 -5.57 -0.50 -24.75
N THR B 70 -4.45 0.21 -24.86
CA THR B 70 -3.51 -0.07 -25.93
C THR B 70 -2.53 -1.11 -25.42
N MET B 71 -2.21 -2.09 -26.26
CA MET B 71 -1.30 -3.18 -25.91
C MET B 71 -0.14 -3.20 -26.89
N LYS B 72 1.07 -3.03 -26.37
CA LYS B 72 2.28 -3.21 -27.19
C LYS B 72 2.61 -4.70 -27.23
N LEU B 73 2.68 -5.24 -28.45
CA LEU B 73 3.00 -6.64 -28.67
C LEU B 73 4.36 -6.76 -29.33
N ASP B 74 5.01 -7.89 -29.05
CA ASP B 74 6.20 -8.30 -29.76
C ASP B 74 5.77 -8.64 -31.20
N ASN B 75 6.16 -7.78 -32.15
CA ASN B 75 5.84 -7.96 -33.58
C ASN B 75 6.97 -8.58 -34.40
N SER B 76 8.05 -9.03 -33.76
CA SER B 76 9.14 -9.73 -34.47
C SER B 76 8.70 -11.11 -34.98
N SER B 77 7.66 -11.69 -34.38
CA SER B 77 6.97 -12.88 -34.89
C SER B 77 5.45 -12.69 -34.86
N GLN B 78 4.75 -13.54 -35.60
CA GLN B 78 3.29 -13.56 -35.60
C GLN B 78 2.72 -14.12 -34.31
N ARG B 79 3.53 -14.89 -33.57
CA ARG B 79 3.04 -15.68 -32.42
C ARG B 79 2.29 -14.91 -31.34
N GLU B 80 2.81 -13.76 -30.93
CA GLU B 80 2.11 -13.00 -29.90
C GLU B 80 0.79 -12.42 -30.40
N ILE B 81 0.75 -12.01 -31.69
CA ILE B 81 -0.50 -11.54 -32.32
C ILE B 81 -1.50 -12.69 -32.40
N GLU B 82 -1.02 -13.84 -32.88
CA GLU B 82 -1.79 -15.08 -32.96
C GLU B 82 -2.40 -15.46 -31.61
N GLU B 83 -1.60 -15.47 -30.56
CA GLU B 83 -2.10 -15.77 -29.22
C GLU B 83 -3.11 -14.72 -28.73
N PHE B 84 -2.84 -13.45 -29.04
CA PHE B 84 -3.69 -12.33 -28.62
C PHE B 84 -5.07 -12.38 -29.29
N LEU B 85 -5.10 -12.61 -30.60
CA LEU B 85 -6.36 -12.69 -31.34
C LEU B 85 -7.22 -13.89 -30.93
N SER B 86 -6.59 -15.05 -30.76
CA SER B 86 -7.25 -16.23 -30.20
C SER B 86 -7.93 -15.94 -28.85
N GLU B 87 -7.23 -15.27 -27.94
CA GLU B 87 -7.83 -14.89 -26.65
C GLU B 87 -8.92 -13.83 -26.81
N ALA B 88 -8.69 -12.85 -27.67
CA ALA B 88 -9.68 -11.81 -27.96
C ALA B 88 -11.00 -12.43 -28.36
N ALA B 89 -10.97 -13.32 -29.36
CA ALA B 89 -12.15 -14.05 -29.80
C ALA B 89 -12.84 -14.81 -28.66
N CYS B 90 -12.06 -15.44 -27.78
CA CYS B 90 -12.58 -16.09 -26.57
C CYS B 90 -13.23 -15.10 -25.60
N MET B 91 -12.53 -14.00 -25.34
CA MET B 91 -13.05 -12.96 -24.44
C MET B 91 -14.38 -12.39 -24.94
N LYS B 92 -14.54 -12.29 -26.26
CA LYS B 92 -15.78 -11.76 -26.86
C LYS B 92 -16.99 -12.68 -26.64
N ASP B 93 -16.77 -13.99 -26.58
CA ASP B 93 -17.84 -14.97 -26.28
C ASP B 93 -18.27 -15.00 -24.80
N PHE B 94 -17.44 -14.50 -23.88
CA PHE B 94 -17.79 -14.55 -22.45
C PHE B 94 -19.01 -13.68 -22.19
N SER B 95 -20.03 -14.27 -21.57
CA SER B 95 -21.21 -13.55 -21.16
C SER B 95 -21.57 -14.01 -19.76
N HIS B 96 -21.30 -13.14 -18.79
CA HIS B 96 -21.55 -13.42 -17.39
C HIS B 96 -21.46 -12.10 -16.65
N PRO B 97 -22.38 -11.83 -15.69
CA PRO B 97 -22.43 -10.51 -15.04
C PRO B 97 -21.18 -10.12 -14.25
N ASN B 98 -20.51 -11.10 -13.65
CA ASN B 98 -19.23 -10.92 -12.95
C ASN B 98 -17.96 -11.13 -13.81
N VAL B 99 -18.07 -10.98 -15.13
CA VAL B 99 -16.92 -11.04 -16.04
C VAL B 99 -17.00 -9.88 -17.02
N MET B 100 -15.90 -9.16 -17.14
CA MET B 100 -15.74 -8.05 -18.09
C MET B 100 -15.96 -8.58 -19.50
N ARG B 101 -16.96 -8.04 -20.19
CA ARG B 101 -17.17 -8.37 -21.60
C ARG B 101 -16.17 -7.57 -22.47
N LEU B 102 -15.51 -8.24 -23.39
CA LEU B 102 -14.77 -7.59 -24.47
C LEU B 102 -15.76 -7.15 -25.55
N LEU B 103 -15.72 -5.87 -25.91
CA LEU B 103 -16.56 -5.34 -27.01
C LEU B 103 -15.92 -5.59 -28.37
N GLY B 104 -14.60 -5.42 -28.46
CA GLY B 104 -13.87 -5.71 -29.69
C GLY B 104 -12.45 -5.16 -29.69
N VAL B 105 -11.83 -5.14 -30.88
CA VAL B 105 -10.46 -4.65 -31.05
C VAL B 105 -10.38 -3.69 -32.23
N CYS B 106 -9.56 -2.64 -32.12
CA CYS B 106 -9.23 -1.73 -33.21
C CYS B 106 -7.73 -1.64 -33.40
N ILE B 107 -7.29 -1.24 -34.59
CA ILE B 107 -5.89 -0.87 -34.82
C ILE B 107 -5.75 0.64 -35.04
N LYS B 116 -0.05 -1.14 -31.73
CA LYS B 116 -1.08 -1.17 -32.80
C LYS B 116 -2.48 -1.68 -32.38
N PRO B 117 -2.57 -2.82 -31.67
CA PRO B 117 -3.90 -3.29 -31.28
C PRO B 117 -4.45 -2.53 -30.06
N MET B 118 -5.77 -2.33 -30.02
CA MET B 118 -6.43 -1.60 -28.93
C MET B 118 -7.65 -2.38 -28.50
N VAL B 119 -7.76 -2.65 -27.20
CA VAL B 119 -8.85 -3.47 -26.66
C VAL B 119 -9.94 -2.57 -26.09
N ILE B 120 -11.17 -2.77 -26.56
CA ILE B 120 -12.30 -1.90 -26.23
C ILE B 120 -13.17 -2.59 -25.18
N LEU B 121 -13.33 -1.93 -24.03
CA LEU B 121 -14.09 -2.49 -22.91
C LEU B 121 -15.17 -1.50 -22.47
N PRO B 122 -16.20 -1.98 -21.75
CA PRO B 122 -17.19 -1.02 -21.25
C PRO B 122 -16.60 -0.10 -20.20
N PHE B 123 -17.06 1.14 -20.15
CA PHE B 123 -16.63 2.09 -19.14
C PHE B 123 -17.37 1.84 -17.82
N MET B 124 -16.61 1.79 -16.73
CA MET B 124 -17.13 1.52 -15.40
C MET B 124 -16.94 2.77 -14.58
N LYS B 125 -17.98 3.61 -14.52
CA LYS B 125 -17.85 4.93 -13.85
C LYS B 125 -17.32 4.87 -12.41
N TYR B 126 -17.69 3.85 -11.63
CA TYR B 126 -17.19 3.69 -10.24
C TYR B 126 -15.76 3.09 -10.10
N GLY B 127 -15.18 2.67 -11.21
CA GLY B 127 -13.78 2.35 -11.28
C GLY B 127 -13.42 1.06 -10.58
N ASP B 128 -12.14 0.90 -10.30
CA ASP B 128 -11.61 -0.34 -9.70
C ASP B 128 -11.95 -0.52 -8.22
N LEU B 129 -12.04 -1.78 -7.80
CA LEU B 129 -12.41 -2.11 -6.42
C LEU B 129 -11.37 -1.66 -5.37
N HIS B 130 -10.08 -1.76 -5.71
CA HIS B 130 -9.01 -1.37 -4.78
C HIS B 130 -9.17 0.06 -4.30
N THR B 131 -9.25 0.99 -5.26
CA THR B 131 -9.51 2.40 -4.98
C THR B 131 -10.80 2.60 -4.17
N TYR B 132 -11.84 1.85 -4.50
CA TYR B 132 -13.12 1.98 -3.81
C TYR B 132 -13.01 1.65 -2.34
N LEU B 133 -12.27 0.58 -2.04
CA LEU B 133 -12.02 0.17 -0.66
C LEU B 133 -11.24 1.24 0.11
N LEU B 134 -10.22 1.82 -0.52
CA LEU B 134 -9.45 2.91 0.08
C LEU B 134 -10.39 4.06 0.42
N TYR B 135 -11.17 4.51 -0.56
CA TYR B 135 -12.11 5.59 -0.34
C TYR B 135 -13.10 5.30 0.78
N SER B 136 -13.47 4.03 0.97
CA SER B 136 -14.39 3.66 2.06
C SER B 136 -13.85 3.99 3.46
N ARG B 137 -12.52 4.09 3.60
CA ARG B 137 -11.86 4.50 4.86
C ARG B 137 -11.77 6.03 5.07
N LEU B 138 -12.46 6.80 4.23
CA LEU B 138 -12.50 8.25 4.32
C LEU B 138 -13.95 8.72 4.43
N GLU B 139 -14.18 9.83 5.13
CA GLU B 139 -15.53 10.35 5.39
C GLU B 139 -16.31 10.75 4.14
N THR B 140 -15.67 11.42 3.18
CA THR B 140 -16.34 11.88 1.95
C THR B 140 -16.60 10.75 0.92
N GLY B 141 -15.78 9.70 0.93
CA GLY B 141 -16.03 8.50 0.14
C GLY B 141 -17.13 7.64 0.75
N PRO B 142 -17.40 6.45 0.16
CA PRO B 142 -18.50 5.59 0.66
C PRO B 142 -18.45 5.28 2.15
N LYS B 143 -19.59 4.94 2.71
CA LYS B 143 -19.76 4.78 4.17
C LYS B 143 -18.96 3.56 4.65
N HIS B 144 -18.90 3.35 5.97
CA HIS B 144 -18.51 2.06 6.52
C HIS B 144 -19.18 0.93 5.73
N ILE B 145 -18.39 0.27 4.89
CA ILE B 145 -18.84 -0.90 4.15
C ILE B 145 -18.94 -2.02 5.17
N PRO B 146 -20.16 -2.57 5.39
CA PRO B 146 -20.26 -3.67 6.36
C PRO B 146 -19.68 -4.95 5.80
N LEU B 147 -19.50 -5.94 6.68
CA LEU B 147 -18.94 -7.23 6.31
C LEU B 147 -19.73 -7.89 5.15
N GLN B 148 -21.06 -7.74 5.18
CA GLN B 148 -21.95 -8.30 4.18
C GLN B 148 -21.59 -7.86 2.77
N THR B 149 -21.34 -6.56 2.61
CA THR B 149 -20.99 -5.99 1.32
C THR B 149 -19.61 -6.47 0.85
N LEU B 150 -18.68 -6.64 1.79
CA LEU B 150 -17.34 -7.14 1.49
C LEU B 150 -17.34 -8.60 1.03
N LEU B 151 -18.15 -9.44 1.68
CA LEU B 151 -18.33 -10.84 1.25
C LEU B 151 -18.96 -10.93 -0.11
N LYS B 152 -19.96 -10.09 -0.35
CA LYS B 152 -20.65 -10.01 -1.65
C LYS B 152 -19.65 -9.68 -2.78
N PHE B 153 -18.71 -8.77 -2.53
CA PHE B 153 -17.61 -8.53 -3.48
C PHE B 153 -16.82 -9.80 -3.73
N MET B 154 -16.56 -10.55 -2.67
CA MET B 154 -15.83 -11.82 -2.79
C MET B 154 -16.63 -12.87 -3.58
N VAL B 155 -17.92 -12.96 -3.29
CA VAL B 155 -18.82 -13.90 -3.99
C VAL B 155 -18.88 -13.59 -5.48
N ASP B 156 -19.14 -12.33 -5.82
CA ASP B 156 -19.10 -11.88 -7.22
C ASP B 156 -17.82 -12.33 -7.94
N ILE B 157 -16.66 -12.09 -7.33
CA ILE B 157 -15.37 -12.43 -7.95
C ILE B 157 -15.23 -13.94 -8.12
N ALA B 158 -15.65 -14.68 -7.10
CA ALA B 158 -15.66 -16.15 -7.16
C ALA B 158 -16.55 -16.65 -8.28
N LEU B 159 -17.77 -16.11 -8.37
CA LEU B 159 -18.69 -16.40 -9.49
C LEU B 159 -18.02 -16.18 -10.83
N GLY B 160 -17.41 -15.01 -11.02
CA GLY B 160 -16.68 -14.70 -12.25
C GLY B 160 -15.55 -15.67 -12.55
N MET B 161 -14.73 -15.95 -11.55
CA MET B 161 -13.65 -16.91 -11.70
C MET B 161 -14.13 -18.34 -11.90
N GLU B 162 -15.29 -18.70 -11.33
CA GLU B 162 -15.93 -20.01 -11.58
C GLU B 162 -16.30 -20.18 -13.06
N TYR B 163 -16.86 -19.12 -13.63
CA TYR B 163 -17.19 -19.09 -15.05
C TYR B 163 -15.96 -19.27 -15.93
N LEU B 164 -14.88 -18.53 -15.65
CA LEU B 164 -13.66 -18.59 -16.47
C LEU B 164 -12.90 -19.92 -16.37
N SER B 165 -12.77 -20.42 -15.15
CA SER B 165 -12.11 -21.72 -14.91
C SER B 165 -12.88 -22.88 -15.55
N ASN B 166 -14.22 -22.81 -15.55
CA ASN B 166 -15.05 -23.78 -16.28
C ASN B 166 -14.83 -23.80 -17.79
N ARG B 167 -14.46 -22.66 -18.36
CA ARG B 167 -14.05 -22.56 -19.76
C ARG B 167 -12.52 -22.64 -19.93
N ASN B 168 -11.86 -23.28 -18.96
CA ASN B 168 -10.39 -23.46 -18.92
C ASN B 168 -9.54 -22.23 -19.27
N PHE B 169 -10.04 -21.06 -18.85
CA PHE B 169 -9.38 -19.80 -19.14
C PHE B 169 -8.66 -19.31 -17.88
N LEU B 170 -7.35 -19.12 -17.99
CA LEU B 170 -6.51 -18.61 -16.91
C LEU B 170 -6.48 -17.07 -16.94
N HIS B 171 -6.56 -16.45 -15.77
CA HIS B 171 -6.57 -14.98 -15.62
C HIS B 171 -5.14 -14.43 -15.61
N ARG B 172 -4.31 -14.99 -14.74
CA ARG B 172 -2.88 -14.65 -14.63
C ARG B 172 -2.51 -13.30 -13.96
N ASP B 173 -3.48 -12.58 -13.43
CA ASP B 173 -3.25 -11.22 -12.88
C ASP B 173 -4.42 -10.75 -12.01
N LEU B 174 -4.96 -11.65 -11.21
CA LEU B 174 -6.12 -11.35 -10.40
C LEU B 174 -5.69 -10.58 -9.14
N ALA B 175 -6.31 -9.43 -8.95
CA ALA B 175 -6.05 -8.57 -7.81
C ALA B 175 -7.22 -7.60 -7.70
N ALA B 176 -7.42 -6.99 -6.54
CA ALA B 176 -8.54 -6.06 -6.36
C ALA B 176 -8.51 -4.88 -7.32
N ARG B 177 -7.32 -4.47 -7.76
CA ARG B 177 -7.20 -3.40 -8.75
C ARG B 177 -7.73 -3.77 -10.15
N ASN B 178 -7.78 -5.07 -10.44
CA ASN B 178 -8.34 -5.60 -11.68
C ASN B 178 -9.79 -6.06 -11.60
N CYS B 179 -10.43 -5.79 -10.47
CA CYS B 179 -11.85 -6.04 -10.29
C CYS B 179 -12.59 -4.69 -10.40
N MET B 180 -13.50 -4.59 -11.36
CA MET B 180 -14.23 -3.33 -11.63
C MET B 180 -15.62 -3.38 -11.03
N LEU B 181 -16.13 -2.21 -10.64
CA LEU B 181 -17.46 -2.07 -10.08
C LEU B 181 -18.43 -1.60 -11.18
N ARG B 182 -19.50 -2.39 -11.38
CA ARG B 182 -20.57 -2.05 -12.28
C ARG B 182 -21.43 -0.99 -11.65
N ASP B 183 -22.30 -0.39 -12.45
CA ASP B 183 -23.20 0.67 -11.98
C ASP B 183 -24.23 0.18 -10.97
N ASP B 184 -24.59 -1.09 -11.04
CA ASP B 184 -25.39 -1.73 -9.98
C ASP B 184 -24.57 -2.11 -8.73
N MET B 185 -23.29 -1.75 -8.70
CA MET B 185 -22.32 -2.09 -7.63
C MET B 185 -22.01 -3.58 -7.44
N THR B 186 -22.26 -4.38 -8.48
CA THR B 186 -21.76 -5.74 -8.53
C THR B 186 -20.35 -5.66 -9.12
N VAL B 187 -19.49 -6.56 -8.69
CA VAL B 187 -18.10 -6.59 -9.14
C VAL B 187 -17.94 -7.55 -10.31
N CYS B 188 -17.11 -7.17 -11.28
CA CYS B 188 -16.68 -8.12 -12.28
C CYS B 188 -15.17 -8.15 -12.40
N VAL B 189 -14.68 -9.28 -12.91
CA VAL B 189 -13.26 -9.54 -13.15
C VAL B 189 -12.85 -9.02 -14.53
N ALA B 190 -11.69 -8.38 -14.60
CA ALA B 190 -11.21 -7.76 -15.83
C ALA B 190 -9.72 -7.97 -15.98
N ASP B 191 -9.16 -7.48 -17.09
CA ASP B 191 -7.70 -7.42 -17.30
C ASP B 191 -7.06 -8.82 -17.39
N PHE B 192 -7.76 -9.78 -17.96
CA PHE B 192 -7.30 -11.19 -17.94
C PHE B 192 -6.48 -11.54 -19.18
N PRO B 213 3.91 -7.16 -9.46
CA PRO B 213 3.03 -8.33 -9.53
C PRO B 213 3.28 -9.41 -8.46
N VAL B 214 4.49 -9.46 -7.92
CA VAL B 214 5.05 -10.63 -7.20
C VAL B 214 4.21 -11.10 -6.01
N LYS B 215 3.70 -10.18 -5.22
CA LYS B 215 2.96 -10.56 -4.00
C LYS B 215 1.59 -11.25 -4.20
N TRP B 216 1.12 -11.36 -5.45
CA TRP B 216 -0.10 -12.12 -5.78
C TRP B 216 0.17 -13.50 -6.40
N ILE B 217 1.42 -13.78 -6.77
CA ILE B 217 1.78 -14.98 -7.52
C ILE B 217 1.99 -16.17 -6.58
N ALA B 218 1.53 -17.33 -7.01
CA ALA B 218 1.59 -18.54 -6.20
C ALA B 218 3.00 -19.07 -6.09
N ILE B 219 3.29 -19.75 -4.98
CA ILE B 219 4.62 -20.25 -4.68
C ILE B 219 5.26 -21.09 -5.79
N GLU B 220 4.51 -22.03 -6.35
CA GLU B 220 5.01 -22.85 -7.47
C GLU B 220 5.28 -22.02 -8.73
N SER B 221 4.42 -21.04 -9.00
CA SER B 221 4.59 -20.13 -10.12
C SER B 221 5.75 -19.16 -9.93
N LEU B 222 6.14 -18.89 -8.69
CA LEU B 222 7.36 -18.13 -8.41
C LEU B 222 8.60 -18.98 -8.69
N ALA B 223 8.54 -20.25 -8.33
CA ALA B 223 9.63 -21.19 -8.61
C ALA B 223 9.72 -21.52 -10.10
N ASP B 224 8.57 -21.65 -10.76
CA ASP B 224 8.49 -22.00 -12.19
C ASP B 224 8.06 -20.79 -13.03
N ARG B 225 7.83 -21.03 -14.32
CA ARG B 225 6.99 -20.17 -15.15
C ARG B 225 5.53 -20.67 -15.07
N VAL B 226 5.38 -21.99 -14.88
CA VAL B 226 4.10 -22.72 -14.73
C VAL B 226 2.99 -21.93 -14.01
N TYR B 227 1.80 -22.02 -14.59
CA TYR B 227 0.63 -21.33 -14.10
C TYR B 227 -0.63 -22.13 -14.42
N THR B 228 -1.32 -22.59 -13.39
CA THR B 228 -2.55 -23.37 -13.52
C THR B 228 -3.69 -22.53 -12.99
N SER B 229 -4.89 -23.07 -12.97
CA SER B 229 -6.01 -22.39 -12.33
C SER B 229 -5.85 -22.30 -10.82
N LYS B 230 -5.05 -23.19 -10.23
CA LYS B 230 -4.75 -23.13 -8.80
C LYS B 230 -3.80 -21.99 -8.42
N SER B 231 -3.03 -21.49 -9.39
CA SER B 231 -2.33 -20.22 -9.25
C SER B 231 -3.29 -19.06 -9.15
N ASP B 232 -4.32 -19.08 -10.01
CA ASP B 232 -5.43 -18.11 -9.92
C ASP B 232 -6.14 -18.17 -8.59
N VAL B 233 -6.33 -19.37 -8.05
CA VAL B 233 -6.96 -19.55 -6.74
C VAL B 233 -6.15 -18.86 -5.63
N TRP B 234 -4.81 -18.99 -5.68
CA TRP B 234 -3.90 -18.31 -4.75
C TRP B 234 -4.14 -16.81 -4.81
N ALA B 235 -4.08 -16.25 -6.02
CA ALA B 235 -4.31 -14.81 -6.22
C ALA B 235 -5.68 -14.34 -5.74
N PHE B 236 -6.71 -15.19 -5.86
CA PHE B 236 -8.04 -14.85 -5.35
C PHE B 236 -8.05 -14.76 -3.82
N GLY B 237 -7.34 -15.67 -3.16
CA GLY B 237 -7.16 -15.59 -1.71
C GLY B 237 -6.49 -14.30 -1.27
N VAL B 238 -5.46 -13.89 -2.03
CA VAL B 238 -4.78 -12.62 -1.75
C VAL B 238 -5.78 -11.46 -1.96
N THR B 239 -6.56 -11.57 -3.04
CA THR B 239 -7.58 -10.56 -3.35
C THR B 239 -8.64 -10.48 -2.25
N MET B 240 -9.07 -11.63 -1.73
CA MET B 240 -9.98 -11.66 -0.56
C MET B 240 -9.40 -10.91 0.63
N TRP B 241 -8.08 -11.07 0.83
CA TRP B 241 -7.35 -10.38 1.90
C TRP B 241 -7.31 -8.87 1.66
N GLU B 242 -7.02 -8.44 0.42
CA GLU B 242 -7.11 -7.00 0.05
C GLU B 242 -8.47 -6.40 0.37
N ILE B 243 -9.53 -7.17 0.09
CA ILE B 243 -10.89 -6.75 0.38
C ILE B 243 -11.16 -6.72 1.89
N ALA B 244 -10.77 -7.77 2.59
CA ALA B 244 -10.93 -7.83 4.06
C ALA B 244 -10.19 -6.71 4.80
N THR B 245 -9.00 -6.35 4.31
CA THR B 245 -8.21 -5.25 4.88
C THR B 245 -8.62 -3.90 4.33
N ARG B 246 -9.44 -3.90 3.27
CA ARG B 246 -9.88 -2.72 2.57
C ARG B 246 -8.69 -1.93 1.99
N GLY B 247 -7.79 -2.64 1.33
CA GLY B 247 -6.75 -2.01 0.52
C GLY B 247 -5.31 -2.01 1.02
N MET B 248 -5.02 -2.75 2.09
CA MET B 248 -3.64 -2.94 2.50
C MET B 248 -2.89 -3.67 1.40
N THR B 249 -1.64 -3.24 1.16
CA THR B 249 -0.72 -3.98 0.34
C THR B 249 -0.43 -5.30 1.05
N PRO B 250 -0.42 -6.43 0.30
CA PRO B 250 -0.05 -7.71 0.92
C PRO B 250 1.34 -7.76 1.56
N TYR B 251 1.44 -8.44 2.70
CA TYR B 251 2.72 -8.73 3.36
C TYR B 251 3.45 -7.45 3.80
N PRO B 252 2.85 -6.71 4.73
CA PRO B 252 3.54 -5.55 5.27
C PRO B 252 4.84 -5.97 5.95
N GLY B 253 5.89 -5.19 5.77
CA GLY B 253 7.22 -5.51 6.28
C GLY B 253 7.94 -6.64 5.56
N VAL B 254 7.55 -6.94 4.33
CA VAL B 254 8.25 -7.94 3.50
C VAL B 254 8.48 -7.33 2.12
N GLN B 255 9.72 -7.36 1.65
CA GLN B 255 10.07 -6.82 0.32
C GLN B 255 9.73 -7.84 -0.76
N ASN B 256 9.61 -7.38 -2.00
CA ASN B 256 9.30 -8.27 -3.14
C ASN B 256 10.35 -9.34 -3.37
N HIS B 257 11.62 -8.98 -3.32
CA HIS B 257 12.73 -9.95 -3.45
C HIS B 257 12.76 -11.01 -2.33
N GLU B 258 12.21 -10.67 -1.16
CA GLU B 258 12.08 -11.62 -0.04
C GLU B 258 10.94 -12.64 -0.15
N MET B 259 10.01 -12.45 -1.10
CA MET B 259 8.74 -13.21 -1.08
C MET B 259 8.87 -14.72 -1.19
N TYR B 260 9.72 -15.20 -2.11
CA TYR B 260 9.85 -16.64 -2.32
C TYR B 260 10.34 -17.38 -1.06
N ASP B 261 11.32 -16.80 -0.37
CA ASP B 261 11.89 -17.36 0.87
C ASP B 261 10.88 -17.30 2.03
N TYR B 262 10.14 -16.20 2.11
CA TYR B 262 9.08 -16.02 3.12
C TYR B 262 8.00 -17.08 2.99
N LEU B 263 7.58 -17.35 1.76
CA LEU B 263 6.56 -18.36 1.49
C LEU B 263 7.12 -19.77 1.63
N LEU B 264 8.34 -19.99 1.11
CA LEU B 264 9.00 -21.32 1.19
C LEU B 264 9.16 -21.84 2.63
N HIS B 265 9.30 -20.92 3.59
CA HIS B 265 9.31 -21.27 5.03
C HIS B 265 7.91 -21.41 5.65
N GLY B 266 6.87 -21.48 4.81
CA GLY B 266 5.50 -21.72 5.27
C GLY B 266 4.75 -20.53 5.85
N HIS B 267 5.31 -19.31 5.75
CA HIS B 267 4.60 -18.12 6.24
C HIS B 267 3.58 -17.65 5.22
N ARG B 268 2.45 -17.13 5.72
CA ARG B 268 1.34 -16.65 4.88
C ARG B 268 0.79 -15.31 5.38
N LEU B 269 -0.06 -14.69 4.56
CA LEU B 269 -0.77 -13.47 4.96
C LEU B 269 -1.50 -13.69 6.26
N LYS B 270 -1.30 -12.77 7.20
CA LYS B 270 -1.87 -12.90 8.55
C LYS B 270 -3.34 -12.53 8.54
N GLN B 271 -4.10 -13.11 9.47
CA GLN B 271 -5.52 -12.82 9.61
C GLN B 271 -5.72 -11.32 9.89
N PRO B 272 -6.58 -10.64 9.10
CA PRO B 272 -6.92 -9.25 9.39
C PRO B 272 -7.69 -9.05 10.70
N GLU B 273 -7.69 -7.81 11.14
CA GLU B 273 -8.05 -7.39 12.51
C GLU B 273 -9.35 -7.99 13.03
N ASP B 274 -10.49 -7.54 12.51
CA ASP B 274 -11.81 -7.94 13.04
C ASP B 274 -12.49 -9.00 12.15
N CYS B 275 -11.69 -9.77 11.41
CA CYS B 275 -12.17 -10.64 10.35
C CYS B 275 -12.42 -12.06 10.88
N LEU B 276 -13.59 -12.62 10.57
CA LEU B 276 -14.02 -13.92 11.12
C LEU B 276 -13.03 -15.02 10.83
N ASP B 277 -12.93 -15.96 11.78
CA ASP B 277 -12.11 -17.17 11.62
C ASP B 277 -12.52 -17.99 10.40
N GLU B 278 -13.82 -18.08 10.16
CA GLU B 278 -14.38 -18.83 9.02
C GLU B 278 -13.92 -18.22 7.70
N LEU B 279 -13.93 -16.89 7.63
CA LEU B 279 -13.46 -16.21 6.43
C LEU B 279 -11.96 -16.44 6.22
N TYR B 280 -11.18 -16.37 7.30
CA TYR B 280 -9.74 -16.57 7.21
C TYR B 280 -9.37 -18.00 6.81
N GLU B 281 -10.11 -18.99 7.29
CA GLU B 281 -9.97 -20.37 6.81
C GLU B 281 -10.14 -20.50 5.31
N ILE B 282 -11.15 -19.82 4.76
CA ILE B 282 -11.39 -19.87 3.32
C ILE B 282 -10.19 -19.28 2.58
N MET B 283 -9.76 -18.08 2.96
CA MET B 283 -8.62 -17.47 2.24
C MET B 283 -7.33 -18.26 2.43
N TYR B 284 -7.11 -18.80 3.63
CA TYR B 284 -5.94 -19.65 3.92
C TYR B 284 -5.87 -20.90 3.03
N SER B 285 -7.01 -21.57 2.84
CA SER B 285 -7.08 -22.73 1.94
C SER B 285 -6.58 -22.43 0.51
N CYS B 286 -6.66 -21.18 0.08
CA CYS B 286 -6.12 -20.78 -1.23
C CYS B 286 -4.60 -20.78 -1.32
N TRP B 287 -3.89 -20.76 -0.18
CA TRP B 287 -2.44 -20.67 -0.18
C TRP B 287 -1.74 -21.93 0.34
N ARG B 288 -2.37 -23.09 0.19
CA ARG B 288 -1.73 -24.35 0.53
C ARG B 288 -0.54 -24.58 -0.42
N THR B 289 0.53 -25.13 0.13
CA THR B 289 1.79 -25.36 -0.62
C THR B 289 1.53 -26.21 -1.86
N ASP B 290 0.84 -27.32 -1.65
CA ASP B 290 0.45 -28.21 -2.72
C ASP B 290 -0.78 -27.61 -3.40
N PRO B 291 -0.67 -27.20 -4.69
CA PRO B 291 -1.84 -26.64 -5.36
C PRO B 291 -3.04 -27.58 -5.44
N LEU B 292 -2.80 -28.90 -5.38
CA LEU B 292 -3.88 -29.89 -5.34
C LEU B 292 -4.70 -29.85 -4.03
N ASP B 293 -4.14 -29.29 -2.96
CA ASP B 293 -4.87 -29.08 -1.71
C ASP B 293 -5.77 -27.86 -1.72
N ARG B 294 -5.59 -26.98 -2.70
CA ARG B 294 -6.41 -25.78 -2.80
C ARG B 294 -7.77 -26.16 -3.37
N PRO B 295 -8.85 -25.50 -2.90
CA PRO B 295 -10.18 -25.75 -3.45
C PRO B 295 -10.34 -25.17 -4.85
N THR B 296 -11.33 -25.66 -5.60
CA THR B 296 -11.66 -25.06 -6.89
C THR B 296 -12.43 -23.75 -6.67
N PHE B 297 -12.55 -22.96 -7.72
CA PHE B 297 -13.39 -21.77 -7.65
C PHE B 297 -14.86 -22.06 -7.35
N SER B 298 -15.40 -23.19 -7.81
CA SER B 298 -16.79 -23.50 -7.52
C SER B 298 -16.98 -23.90 -6.06
N VAL B 299 -15.99 -24.58 -5.47
CA VAL B 299 -15.99 -24.85 -4.03
C VAL B 299 -15.96 -23.55 -3.22
N LEU B 300 -15.01 -22.68 -3.55
CA LEU B 300 -14.88 -21.40 -2.86
C LEU B 300 -16.16 -20.56 -2.95
N ARG B 301 -16.74 -20.53 -4.14
CA ARG B 301 -17.92 -19.71 -4.38
C ARG B 301 -19.04 -20.09 -3.43
N LEU B 302 -19.29 -21.39 -3.28
CA LEU B 302 -20.34 -21.87 -2.38
C LEU B 302 -20.02 -21.61 -0.92
N GLN B 303 -18.78 -21.89 -0.52
CA GLN B 303 -18.31 -21.57 0.86
C GLN B 303 -18.54 -20.11 1.21
N LEU B 304 -18.19 -19.22 0.30
CA LEU B 304 -18.42 -17.79 0.49
C LEU B 304 -19.91 -17.46 0.49
N GLU B 305 -20.68 -18.06 -0.42
CA GLU B 305 -22.14 -17.85 -0.45
C GLU B 305 -22.77 -18.29 0.87
N LYS B 306 -22.39 -19.47 1.35
CA LYS B 306 -22.90 -20.00 2.61
C LYS B 306 -22.57 -19.09 3.80
N LEU B 307 -21.33 -18.60 3.84
CA LEU B 307 -20.92 -17.70 4.91
C LEU B 307 -21.75 -16.41 4.88
N LEU B 308 -21.94 -15.86 3.70
CA LEU B 308 -22.72 -14.64 3.54
C LEU B 308 -24.15 -14.84 4.05
N GLU B 309 -24.78 -15.96 3.67
CA GLU B 309 -26.16 -16.24 4.07
C GLU B 309 -26.35 -16.43 5.57
N SER B 310 -25.29 -16.81 6.29
CA SER B 310 -25.36 -16.94 7.74
C SER B 310 -25.30 -15.62 8.54
N LEU B 311 -25.32 -14.45 7.88
CA LEU B 311 -25.24 -13.16 8.57
C LEU B 311 -26.57 -12.40 8.66
#